data_8W7P
#
_entry.id   8W7P
#
_cell.length_a   31.430
_cell.length_b   61.824
_cell.length_c   69.436
_cell.angle_alpha   114.200
_cell.angle_beta   87.430
_cell.angle_gamma   100.250
#
_symmetry.space_group_name_H-M   'P 1'
#
loop_
_entity.id
_entity.type
_entity.pdbx_description
1 polymer 'Extracellular domain of a sensor histidine kinase NagS'
2 non-polymer GLYCEROL
3 water water
#
_entity_poly.entity_id   1
_entity_poly.type   'polypeptide(L)'
_entity_poly.pdbx_seq_one_letter_code
;MSQHMIEQNYAEQSEFTLKAIGRNINYVLKEANHFSESSMLREDIQQTLSINHEVDQVVLAEYNRLLQRTFLFYTPSYSV
HLYNFTGQLYNQGKIGYERFTYESLYKSPQVSEVIKLNGKPLWLGPYEFTESSANPNLFTSIRMINNTYTMNNMGILLQQ
FQFNNELNEIFNYFGTTHSKAVRFMLVNQEGLIMMDNKGKLSGRKLSDYAGSPVVLGAEYQSRKMTFDQVESVVSVHHLA
LDDFGKMNWNVVSVTPWEYLSGRSEQLEHHHHHH
;
_entity_poly.pdbx_strand_id   A,B
#
loop_
_chem_comp.id
_chem_comp.type
_chem_comp.name
_chem_comp.formula
GOL non-polymer GLYCEROL 'C3 H8 O3'
#
# COMPACT_ATOMS: atom_id res chain seq x y z
N ILE A 6 20.08 22.52 -0.56
CA ILE A 6 20.12 21.15 -0.09
C ILE A 6 19.72 21.13 1.39
N GLU A 7 19.56 22.32 1.97
CA GLU A 7 19.23 22.44 3.39
C GLU A 7 17.79 22.03 3.64
N GLN A 8 16.87 22.98 3.43
CA GLN A 8 15.46 22.74 3.68
C GLN A 8 14.90 21.69 2.73
N ASN A 9 15.50 21.56 1.53
CA ASN A 9 14.96 20.67 0.50
C ASN A 9 14.90 19.22 0.99
N TYR A 10 16.00 18.69 1.52
CA TYR A 10 15.98 17.30 1.95
C TYR A 10 15.00 17.11 3.10
N ALA A 11 14.84 18.09 3.98
CA ALA A 11 13.82 17.98 5.03
C ALA A 11 12.41 17.95 4.45
N GLU A 12 12.13 18.78 3.44
CA GLU A 12 10.87 18.70 2.72
C GLU A 12 10.65 17.30 2.19
N GLN A 13 11.64 16.79 1.47
CA GLN A 13 11.54 15.47 0.88
C GLN A 13 11.40 14.39 1.95
N SER A 14 12.21 14.50 3.02
CA SER A 14 12.25 13.44 4.03
CA SER A 14 12.26 13.45 4.04
C SER A 14 10.93 13.36 4.80
N GLU A 15 10.36 14.50 5.19
CA GLU A 15 9.09 14.45 5.89
C GLU A 15 8.03 13.75 5.03
N PHE A 16 7.96 14.08 3.74
CA PHE A 16 6.98 13.40 2.89
C PHE A 16 7.25 11.91 2.81
N THR A 17 8.52 11.55 2.58
CA THR A 17 8.90 10.15 2.39
C THR A 17 8.58 9.33 3.63
N LEU A 18 8.98 9.83 4.80
CA LEU A 18 8.74 9.07 6.03
C LEU A 18 7.24 8.91 6.29
N LYS A 19 6.45 9.95 6.01
CA LYS A 19 5.01 9.82 6.19
C LYS A 19 4.41 8.80 5.22
N ALA A 20 4.84 8.82 3.94
CA ALA A 20 4.39 7.81 2.99
C ALA A 20 4.79 6.41 3.43
N ILE A 21 6.01 6.24 3.91
CA ILE A 21 6.41 4.93 4.42
C ILE A 21 5.48 4.49 5.54
N GLY A 22 5.19 5.41 6.46
CA GLY A 22 4.26 5.11 7.55
C GLY A 22 2.88 4.68 7.07
N ARG A 23 2.32 5.40 6.10
CA ARG A 23 1.01 5.02 5.58
C ARG A 23 1.05 3.64 4.95
N ASN A 24 2.12 3.35 4.19
CA ASN A 24 2.19 2.06 3.52
C ASN A 24 2.41 0.90 4.49
N ILE A 25 3.10 1.12 5.61
CA ILE A 25 3.17 0.08 6.61
C ILE A 25 1.79 -0.20 7.17
N ASN A 26 1.02 0.87 7.39
CA ASN A 26 -0.35 0.72 7.86
C ASN A 26 -1.18 -0.08 6.87
N TYR A 27 -1.02 0.19 5.56
CA TYR A 27 -1.76 -0.58 4.56
C TYR A 27 -1.45 -2.07 4.67
N VAL A 28 -0.17 -2.41 4.87
CA VAL A 28 0.20 -3.84 5.02
C VAL A 28 -0.55 -4.45 6.19
N LEU A 29 -0.59 -3.75 7.32
CA LEU A 29 -1.31 -4.26 8.49
C LEU A 29 -2.83 -4.35 8.22
N LYS A 30 -3.40 -3.35 7.54
CA LYS A 30 -4.83 -3.41 7.25
C LYS A 30 -5.17 -4.59 6.38
N GLU A 31 -4.31 -4.87 5.38
CA GLU A 31 -4.52 -6.03 4.53
C GLU A 31 -4.43 -7.33 5.30
N ALA A 32 -3.44 -7.46 6.19
CA ALA A 32 -3.41 -8.63 7.07
C ALA A 32 -4.65 -8.69 7.96
N ASN A 33 -5.15 -7.55 8.42
CA ASN A 33 -6.37 -7.53 9.22
C ASN A 33 -7.57 -8.07 8.44
N HIS A 34 -7.75 -7.59 7.20
CA HIS A 34 -8.83 -8.13 6.35
C HIS A 34 -8.70 -9.63 6.18
N PHE A 35 -7.48 -10.12 5.95
CA PHE A 35 -7.23 -11.54 5.84
C PHE A 35 -7.60 -12.29 7.12
N SER A 36 -7.20 -11.76 8.29
CA SER A 36 -7.55 -12.42 9.55
C SER A 36 -9.06 -12.41 9.76
N GLU A 37 -9.70 -11.27 9.51
CA GLU A 37 -11.14 -11.16 9.71
C GLU A 37 -11.88 -12.17 8.87
N SER A 38 -11.55 -12.25 7.57
CA SER A 38 -12.23 -13.19 6.68
C SER A 38 -12.02 -14.64 7.12
N SER A 39 -10.82 -14.96 7.61
CA SER A 39 -10.56 -16.34 8.01
C SER A 39 -11.32 -16.72 9.27
N MET A 40 -11.45 -15.79 10.22
CA MET A 40 -12.02 -16.17 11.50
C MET A 40 -13.54 -16.15 11.49
N LEU A 41 -14.17 -15.50 10.51
CA LEU A 41 -15.61 -15.58 10.40
C LEU A 41 -16.05 -16.97 9.94
N ARG A 42 -15.13 -17.75 9.39
CA ARG A 42 -15.49 -19.04 8.81
C ARG A 42 -16.15 -19.95 9.84
N GLU A 43 -17.28 -20.53 9.44
CA GLU A 43 -18.02 -21.44 10.29
C GLU A 43 -17.14 -22.60 10.79
N ASP A 44 -16.39 -23.22 9.88
CA ASP A 44 -15.62 -24.41 10.22
C ASP A 44 -14.45 -24.09 11.15
N ILE A 45 -13.82 -22.92 11.00
CA ILE A 45 -12.77 -22.51 11.93
C ILE A 45 -13.33 -22.42 13.35
N GLN A 46 -14.43 -21.70 13.53
CA GLN A 46 -15.04 -21.53 14.85
C GLN A 46 -15.38 -22.87 15.48
N GLN A 47 -15.91 -23.80 14.69
CA GLN A 47 -16.55 -25.00 15.23
C GLN A 47 -15.60 -25.83 16.07
N THR A 48 -14.47 -26.25 15.49
CA THR A 48 -13.57 -27.12 16.22
C THR A 48 -12.88 -26.38 17.38
N LEU A 49 -12.79 -25.05 17.30
CA LEU A 49 -12.29 -24.32 18.46
C LEU A 49 -13.30 -24.36 19.61
N SER A 50 -14.60 -24.43 19.30
CA SER A 50 -15.61 -24.55 20.34
C SER A 50 -15.44 -25.83 21.14
N ILE A 51 -14.86 -26.87 20.54
CA ILE A 51 -14.66 -28.11 21.26
C ILE A 51 -13.80 -27.87 22.49
N ASN A 52 -14.32 -28.29 23.64
CA ASN A 52 -13.75 -28.00 24.94
C ASN A 52 -12.91 -29.15 25.47
N HIS A 53 -12.59 -30.12 24.61
CA HIS A 53 -11.90 -31.32 25.03
C HIS A 53 -11.04 -31.83 23.88
N GLU A 54 -10.16 -32.78 24.20
CA GLU A 54 -9.29 -33.37 23.20
C GLU A 54 -10.12 -34.04 22.10
N VAL A 55 -9.61 -33.97 20.87
CA VAL A 55 -10.27 -34.57 19.72
C VAL A 55 -9.44 -35.77 19.24
N ASP A 56 -10.07 -36.59 18.40
CA ASP A 56 -9.37 -37.70 17.77
C ASP A 56 -8.19 -37.21 16.94
N GLN A 57 -7.25 -38.12 16.68
CA GLN A 57 -6.16 -37.78 15.77
C GLN A 57 -6.63 -37.61 14.33
N VAL A 58 -7.77 -38.21 13.96
CA VAL A 58 -8.26 -38.06 12.60
C VAL A 58 -8.99 -36.72 12.44
N VAL A 59 -9.71 -36.29 13.49
CA VAL A 59 -10.32 -34.97 13.46
C VAL A 59 -9.26 -33.88 13.54
N LEU A 60 -8.18 -34.15 14.28
CA LEU A 60 -7.08 -33.20 14.37
C LEU A 60 -6.44 -32.96 13.01
N ALA A 61 -6.05 -34.03 12.31
CA ALA A 61 -5.40 -33.87 11.02
C ALA A 61 -6.33 -33.21 10.00
N GLU A 62 -7.65 -33.37 10.18
CA GLU A 62 -8.59 -32.68 9.28
C GLU A 62 -8.64 -31.20 9.63
N TYR A 63 -8.58 -30.87 10.93
CA TYR A 63 -8.56 -29.46 11.32
C TYR A 63 -7.23 -28.82 10.95
N ASN A 64 -6.13 -29.56 11.05
CA ASN A 64 -4.85 -29.05 10.61
C ASN A 64 -4.87 -28.70 9.12
N ARG A 65 -5.50 -29.55 8.31
CA ARG A 65 -5.59 -29.27 6.88
C ARG A 65 -6.46 -28.05 6.60
N LEU A 66 -7.52 -27.87 7.38
CA LEU A 66 -8.33 -26.66 7.26
C LEU A 66 -7.53 -25.41 7.61
N LEU A 67 -6.71 -25.49 8.66
CA LEU A 67 -5.87 -24.36 9.04
C LEU A 67 -4.85 -24.04 7.95
N GLN A 68 -4.20 -25.08 7.43
CA GLN A 68 -3.27 -24.91 6.31
C GLN A 68 -3.92 -24.20 5.14
N ARG A 69 -5.05 -24.71 4.68
CA ARG A 69 -5.73 -24.13 3.53
C ARG A 69 -6.28 -22.73 3.83
N THR A 70 -6.77 -22.51 5.05
CA THR A 70 -7.36 -21.22 5.41
C THR A 70 -6.28 -20.15 5.63
N PHE A 71 -5.20 -20.49 6.32
CA PHE A 71 -4.28 -19.45 6.79
C PHE A 71 -2.98 -19.34 6.01
N LEU A 72 -2.53 -20.39 5.33
CA LEU A 72 -1.18 -20.38 4.80
C LEU A 72 -1.10 -20.09 3.30
N PHE A 73 -2.21 -19.77 2.65
CA PHE A 73 -2.29 -19.38 1.24
CA PHE A 73 -2.04 -19.41 1.26
C PHE A 73 -2.01 -17.90 1.02
N TYR A 74 -2.30 -17.09 2.03
CA TYR A 74 -2.05 -15.65 1.96
C TYR A 74 -0.54 -15.44 2.00
N THR A 75 0.02 -14.76 0.98
CA THR A 75 1.48 -14.78 0.79
C THR A 75 2.31 -14.52 2.05
N PRO A 76 2.09 -13.46 2.84
CA PRO A 76 2.99 -13.20 3.96
C PRO A 76 2.63 -13.98 5.21
N SER A 77 1.50 -14.70 5.22
CA SER A 77 1.15 -15.52 6.36
C SER A 77 2.21 -16.60 6.60
N TYR A 78 2.66 -16.67 7.84
CA TYR A 78 3.71 -17.63 8.19
C TYR A 78 3.25 -18.72 9.15
N SER A 79 2.43 -18.41 10.15
CA SER A 79 1.95 -19.46 11.03
C SER A 79 0.67 -18.99 11.72
N VAL A 80 -0.07 -19.96 12.25
CA VAL A 80 -1.29 -19.68 12.99
C VAL A 80 -1.32 -20.56 14.25
N HIS A 81 -1.70 -19.95 15.37
CA HIS A 81 -1.97 -20.68 16.60
C HIS A 81 -3.37 -20.29 17.02
N LEU A 82 -4.24 -21.28 17.21
CA LEU A 82 -5.65 -21.06 17.55
C LEU A 82 -5.90 -21.81 18.84
N TYR A 83 -6.29 -21.11 19.91
CA TYR A 83 -6.42 -21.81 21.17
C TYR A 83 -7.57 -21.24 21.99
N ASN A 84 -8.15 -22.09 22.82
CA ASN A 84 -9.12 -21.68 23.82
C ASN A 84 -8.49 -21.77 25.22
N PHE A 85 -9.28 -21.45 26.26
CA PHE A 85 -8.77 -21.50 27.63
C PHE A 85 -9.14 -22.78 28.36
N THR A 86 -9.52 -23.83 27.63
CA THR A 86 -9.82 -25.12 28.23
C THR A 86 -8.82 -26.20 27.81
N GLY A 87 -7.64 -25.80 27.34
CA GLY A 87 -6.57 -26.73 27.07
C GLY A 87 -6.32 -27.10 25.63
N GLN A 88 -7.10 -26.59 24.68
CA GLN A 88 -6.98 -26.99 23.28
C GLN A 88 -6.20 -25.96 22.48
N LEU A 89 -5.25 -26.42 21.69
CA LEU A 89 -4.39 -25.56 20.89
C LEU A 89 -4.16 -26.24 19.55
N TYR A 90 -4.40 -25.50 18.47
CA TYR A 90 -4.18 -25.97 17.10
C TYR A 90 -3.18 -25.04 16.43
N ASN A 91 -2.23 -25.59 15.71
CA ASN A 91 -1.26 -24.71 15.06
C ASN A 91 -0.75 -25.35 13.79
N GLN A 92 -0.49 -24.49 12.81
CA GLN A 92 0.12 -24.90 11.55
C GLN A 92 1.01 -23.75 11.11
N GLY A 93 2.00 -24.05 10.28
CA GLY A 93 2.77 -22.91 9.84
C GLY A 93 3.74 -23.35 8.79
N LYS A 94 4.44 -22.37 8.24
CA LYS A 94 5.44 -22.62 7.21
C LYS A 94 6.72 -23.13 7.86
N ILE A 95 7.60 -23.62 7.01
CA ILE A 95 8.83 -24.26 7.48
CA ILE A 95 8.79 -24.29 7.51
C ILE A 95 9.60 -23.33 8.39
N GLY A 96 10.04 -23.84 9.54
CA GLY A 96 10.80 -23.11 10.54
C GLY A 96 9.98 -22.43 11.62
N TYR A 97 8.66 -22.52 11.58
CA TYR A 97 7.86 -21.74 12.51
C TYR A 97 7.99 -22.27 13.93
N GLU A 98 7.90 -21.36 14.90
CA GLU A 98 8.00 -21.75 16.30
C GLU A 98 6.66 -22.29 16.78
N ARG A 99 6.64 -23.54 17.23
CA ARG A 99 5.47 -24.06 17.94
C ARG A 99 5.51 -23.56 19.38
N PHE A 100 4.52 -22.77 19.78
CA PHE A 100 4.45 -22.25 21.14
C PHE A 100 3.76 -23.27 22.03
N THR A 101 4.22 -23.37 23.28
CA THR A 101 3.55 -24.26 24.22
C THR A 101 2.21 -23.66 24.64
N TYR A 102 1.27 -24.53 24.98
CA TYR A 102 -0.02 -24.05 25.45
C TYR A 102 0.13 -23.17 26.68
N GLU A 103 1.03 -23.55 27.61
CA GLU A 103 1.24 -22.75 28.82
CA GLU A 103 1.23 -22.75 28.82
C GLU A 103 1.69 -21.34 28.49
N SER A 104 2.65 -21.21 27.58
CA SER A 104 3.18 -19.88 27.28
C SER A 104 2.12 -18.99 26.64
N LEU A 105 1.20 -19.59 25.87
CA LEU A 105 0.13 -18.83 25.23
C LEU A 105 -0.99 -18.50 26.21
N TYR A 106 -1.31 -19.45 27.09
CA TYR A 106 -2.36 -19.25 28.08
C TYR A 106 -1.97 -18.17 29.08
N LYS A 107 -0.71 -18.15 29.47
CA LYS A 107 -0.21 -17.26 30.51
C LYS A 107 0.47 -16.01 29.98
N SER A 108 0.55 -15.84 28.67
CA SER A 108 1.34 -14.74 28.15
C SER A 108 0.78 -13.41 28.65
N PRO A 109 1.64 -12.48 29.07
CA PRO A 109 1.13 -11.15 29.46
C PRO A 109 0.41 -10.45 28.33
N GLN A 110 0.71 -10.77 27.07
CA GLN A 110 -0.02 -10.13 25.98
C GLN A 110 -1.49 -10.49 25.98
N VAL A 111 -1.88 -11.61 26.60
CA VAL A 111 -3.26 -12.05 26.54
C VAL A 111 -4.17 -11.01 27.20
N SER A 112 -3.72 -10.44 28.32
CA SER A 112 -4.50 -9.43 29.01
CA SER A 112 -4.53 -9.44 29.00
CA SER A 112 -4.52 -9.42 29.01
C SER A 112 -4.78 -8.23 28.10
N GLU A 113 -3.77 -7.81 27.33
CA GLU A 113 -3.97 -6.70 26.39
C GLU A 113 -4.91 -7.08 25.26
N VAL A 114 -4.81 -8.32 24.77
CA VAL A 114 -5.68 -8.76 23.68
C VAL A 114 -7.14 -8.71 24.11
N ILE A 115 -7.41 -9.17 25.34
CA ILE A 115 -8.78 -9.19 25.84
C ILE A 115 -9.36 -7.78 25.94
N LYS A 116 -8.54 -6.84 26.41
CA LYS A 116 -8.99 -5.45 26.49
C LYS A 116 -9.33 -4.87 25.10
N LEU A 117 -8.63 -5.30 24.05
CA LEU A 117 -8.94 -4.85 22.70
C LEU A 117 -10.23 -5.47 22.16
N ASN A 118 -10.75 -6.51 22.80
CA ASN A 118 -12.16 -6.94 22.64
C ASN A 118 -12.50 -7.23 21.18
N GLY A 119 -11.61 -7.97 20.51
CA GLY A 119 -11.80 -8.38 19.14
C GLY A 119 -10.87 -7.69 18.16
N LYS A 120 -10.41 -6.49 18.47
CA LYS A 120 -9.46 -5.79 17.60
C LYS A 120 -8.09 -6.45 17.74
N PRO A 121 -7.24 -6.34 16.72
CA PRO A 121 -5.96 -7.04 16.78
C PRO A 121 -4.92 -6.25 17.56
N LEU A 122 -4.08 -6.99 18.29
CA LEU A 122 -2.88 -6.45 18.90
C LEU A 122 -1.73 -6.81 17.95
N TRP A 123 -0.99 -5.81 17.49
CA TRP A 123 0.14 -6.09 16.61
C TRP A 123 1.42 -5.90 17.40
N LEU A 124 2.31 -6.89 17.32
CA LEU A 124 3.61 -6.84 17.96
C LEU A 124 4.65 -6.88 16.86
N GLY A 125 5.51 -5.87 16.81
CA GLY A 125 6.53 -5.81 15.79
C GLY A 125 7.64 -6.80 16.07
N PRO A 126 8.57 -6.87 15.13
CA PRO A 126 9.76 -7.70 15.31
C PRO A 126 10.42 -7.45 16.66
N TYR A 127 10.80 -8.51 17.34
CA TYR A 127 11.41 -8.49 18.67
C TYR A 127 10.50 -8.01 19.78
N GLU A 128 9.25 -7.64 19.47
CA GLU A 128 8.39 -7.13 20.54
C GLU A 128 7.69 -8.25 21.31
N PHE A 129 7.44 -9.39 20.67
CA PHE A 129 6.73 -10.51 21.28
C PHE A 129 7.77 -11.39 21.97
N THR A 130 7.93 -11.20 23.28
CA THR A 130 9.02 -11.86 24.00
C THR A 130 8.95 -13.38 23.89
N GLU A 131 7.75 -13.94 23.79
CA GLU A 131 7.62 -15.38 23.69
C GLU A 131 8.11 -15.94 22.36
N SER A 132 8.29 -15.11 21.35
CA SER A 132 8.60 -15.57 19.99
C SER A 132 10.09 -15.30 19.73
N SER A 133 10.95 -16.26 20.10
CA SER A 133 12.38 -16.02 20.02
C SER A 133 13.06 -16.78 18.90
N ALA A 134 12.41 -17.78 18.28
CA ALA A 134 13.05 -18.49 17.17
C ALA A 134 13.24 -17.57 15.97
N ASN A 135 12.20 -16.81 15.64
CA ASN A 135 12.14 -15.97 14.46
C ASN A 135 11.70 -14.57 14.87
N PRO A 136 12.62 -13.77 15.43
CA PRO A 136 12.21 -12.44 15.92
C PRO A 136 11.85 -11.47 14.82
N ASN A 137 12.24 -11.73 13.56
CA ASN A 137 11.91 -10.81 12.48
C ASN A 137 10.41 -10.76 12.17
N LEU A 138 9.64 -11.76 12.59
CA LEU A 138 8.21 -11.84 12.29
C LEU A 138 7.42 -10.70 12.96
N PHE A 139 6.32 -10.30 12.31
CA PHE A 139 5.30 -9.49 12.97
C PHE A 139 4.25 -10.45 13.50
N THR A 140 3.63 -10.09 14.64
CA THR A 140 2.66 -10.97 15.27
C THR A 140 1.36 -10.22 15.47
N SER A 141 0.26 -10.85 15.12
CA SER A 141 -1.08 -10.30 15.34
CA SER A 141 -1.08 -10.31 15.34
C SER A 141 -1.82 -11.24 16.29
N ILE A 142 -2.44 -10.68 17.32
CA ILE A 142 -3.18 -11.49 18.28
C ILE A 142 -4.54 -10.86 18.49
N ARG A 143 -5.59 -11.66 18.43
CA ARG A 143 -6.94 -11.13 18.65
C ARG A 143 -7.85 -12.16 19.32
N MET A 144 -8.80 -11.64 20.09
CA MET A 144 -9.86 -12.45 20.69
C MET A 144 -10.85 -12.87 19.61
N ILE A 145 -11.27 -14.14 19.60
CA ILE A 145 -12.27 -14.59 18.64
C ILE A 145 -13.47 -15.19 19.34
N ASN A 146 -14.61 -15.16 18.67
CA ASN A 146 -15.86 -15.65 19.24
C ASN A 146 -16.44 -16.82 18.44
N ASN A 153 -15.20 -13.96 23.47
CA ASN A 153 -15.36 -14.98 24.49
C ASN A 153 -15.38 -16.30 23.76
N MET A 154 -14.20 -16.89 23.56
CA MET A 154 -14.06 -18.27 23.09
C MET A 154 -12.59 -18.64 22.95
N GLY A 155 -11.86 -17.93 22.12
CA GLY A 155 -10.48 -18.30 21.94
C GLY A 155 -9.62 -17.13 21.49
N ILE A 156 -8.38 -17.45 21.15
CA ILE A 156 -7.41 -16.46 20.73
C ILE A 156 -6.80 -16.93 19.41
N LEU A 157 -6.69 -16.00 18.45
CA LEU A 157 -6.08 -16.22 17.15
C LEU A 157 -4.75 -15.48 17.14
N LEU A 158 -3.65 -16.23 17.02
CA LEU A 158 -2.31 -15.68 17.09
C LEU A 158 -1.61 -16.02 15.78
N GLN A 159 -1.26 -15.00 15.01
CA GLN A 159 -0.75 -15.20 13.67
C GLN A 159 0.60 -14.51 13.55
N GLN A 160 1.53 -15.14 12.81
CA GLN A 160 2.80 -14.48 12.53
C GLN A 160 2.96 -14.32 11.03
N PHE A 161 3.61 -13.23 10.65
CA PHE A 161 3.72 -12.81 9.27
C PHE A 161 5.17 -12.50 8.92
N GLN A 162 5.58 -12.90 7.71
CA GLN A 162 6.84 -12.50 7.12
C GLN A 162 6.58 -11.23 6.30
N PHE A 163 7.05 -10.09 6.77
CA PHE A 163 6.84 -8.83 6.07
C PHE A 163 8.16 -8.19 5.64
N ASN A 164 9.30 -8.90 5.71
CA ASN A 164 10.56 -8.29 5.31
C ASN A 164 10.51 -7.81 3.86
N ASN A 165 10.08 -8.67 2.93
CA ASN A 165 10.03 -8.28 1.53
C ASN A 165 9.18 -7.03 1.35
N GLU A 166 7.99 -7.03 1.97
CA GLU A 166 7.01 -5.98 1.76
C GLU A 166 7.49 -4.64 2.31
N LEU A 167 8.07 -4.64 3.50
CA LEU A 167 8.58 -3.39 4.06
C LEU A 167 9.82 -2.90 3.32
N ASN A 168 10.69 -3.82 2.93
CA ASN A 168 11.85 -3.44 2.14
C ASN A 168 11.42 -2.77 0.85
N GLU A 169 10.43 -3.35 0.15
CA GLU A 169 9.90 -2.72 -1.05
CA GLU A 169 9.92 -2.72 -1.05
C GLU A 169 9.41 -1.31 -0.76
N ILE A 170 8.70 -1.14 0.36
CA ILE A 170 8.17 0.16 0.73
C ILE A 170 9.31 1.16 0.92
N PHE A 171 10.35 0.77 1.65
CA PHE A 171 11.51 1.64 1.85
C PHE A 171 12.12 2.04 0.51
N ASN A 172 12.35 1.07 -0.38
CA ASN A 172 12.99 1.38 -1.66
C ASN A 172 12.10 2.21 -2.56
N TYR A 173 10.80 1.98 -2.52
CA TYR A 173 9.88 2.65 -3.44
C TYR A 173 9.66 4.10 -3.05
N PHE A 174 9.47 4.36 -1.75
CA PHE A 174 9.18 5.70 -1.28
C PHE A 174 10.41 6.47 -0.81
N GLY A 175 11.53 5.81 -0.49
CA GLY A 175 12.65 6.50 0.13
C GLY A 175 14.05 6.30 -0.43
N THR A 176 14.20 5.40 -1.41
CA THR A 176 15.44 5.26 -2.17
C THR A 176 15.50 6.25 -3.34
N THR A 177 14.49 7.12 -3.42
CA THR A 177 14.38 8.10 -4.50
C THR A 177 15.62 8.98 -4.62
N HIS A 178 16.22 9.37 -3.50
CA HIS A 178 17.42 10.20 -3.56
C HIS A 178 18.68 9.33 -3.62
N SER A 179 18.88 8.48 -2.61
CA SER A 179 20.02 7.57 -2.61
C SER A 179 19.58 6.21 -2.09
N LYS A 180 20.25 5.17 -2.60
CA LYS A 180 20.15 3.84 -2.01
C LYS A 180 21.06 3.72 -0.81
N ALA A 181 21.83 4.78 -0.51
CA ALA A 181 22.68 4.83 0.67
C ALA A 181 21.88 4.96 1.97
N VAL A 182 20.58 5.27 1.88
CA VAL A 182 19.80 5.61 3.07
C VAL A 182 19.45 4.36 3.86
N ARG A 183 19.64 4.42 5.18
CA ARG A 183 19.22 3.35 6.06
C ARG A 183 17.84 3.69 6.59
N PHE A 184 16.93 2.72 6.61
CA PHE A 184 15.61 2.89 7.20
C PHE A 184 15.47 1.88 8.32
N MET A 185 14.92 2.31 9.46
CA MET A 185 14.67 1.43 10.58
C MET A 185 13.27 1.66 11.11
N LEU A 186 12.65 0.60 11.59
CA LEU A 186 11.45 0.70 12.41
CA LEU A 186 11.45 0.69 12.42
C LEU A 186 11.89 0.57 13.87
N VAL A 187 11.54 1.56 14.68
CA VAL A 187 12.06 1.64 16.05
C VAL A 187 10.87 1.90 16.96
N ASN A 188 10.77 1.13 18.06
CA ASN A 188 9.62 1.36 18.93
C ASN A 188 10.00 2.41 19.97
N GLN A 189 9.10 2.66 20.92
CA GLN A 189 9.26 3.78 21.83
C GLN A 189 10.43 3.58 22.79
N GLU A 190 10.82 2.33 23.05
CA GLU A 190 11.94 2.07 23.94
C GLU A 190 13.27 2.13 23.21
N GLY A 191 13.25 2.44 21.91
CA GLY A 191 14.48 2.46 21.12
C GLY A 191 14.91 1.12 20.64
N LEU A 192 14.01 0.14 20.67
CA LEU A 192 14.32 -1.15 20.08
C LEU A 192 14.26 -1.04 18.56
N ILE A 193 15.39 -1.33 17.90
CA ILE A 193 15.44 -1.32 16.43
C ILE A 193 14.75 -2.61 15.98
N MET A 194 13.47 -2.52 15.62
CA MET A 194 12.76 -3.74 15.27
C MET A 194 13.22 -4.26 13.90
N MET A 195 13.45 -3.36 12.95
CA MET A 195 13.97 -3.77 11.64
C MET A 195 14.97 -2.73 11.14
N ASP A 196 16.00 -3.22 10.46
CA ASP A 196 17.04 -2.40 9.86
C ASP A 196 17.14 -2.88 8.41
N ASN A 197 16.88 -1.97 7.45
CA ASN A 197 16.91 -2.39 6.05
C ASN A 197 18.32 -2.74 5.58
N LYS A 198 19.35 -2.43 6.36
CA LYS A 198 20.70 -2.87 6.02
C LYS A 198 21.02 -4.24 6.62
N GLY A 199 20.14 -4.80 7.45
CA GLY A 199 20.29 -6.14 7.99
C GLY A 199 21.34 -6.29 9.06
N LYS A 200 21.74 -5.20 9.71
CA LYS A 200 22.86 -5.23 10.65
C LYS A 200 22.46 -4.93 12.09
N LEU A 201 21.46 -4.08 12.30
CA LEU A 201 21.17 -3.56 13.65
C LEU A 201 19.88 -4.10 14.23
N SER A 202 19.20 -5.03 13.55
CA SER A 202 17.92 -5.55 14.06
C SER A 202 18.08 -6.13 15.46
N GLY A 203 17.16 -5.77 16.36
CA GLY A 203 17.18 -6.26 17.72
C GLY A 203 18.00 -5.44 18.68
N ARG A 204 18.78 -4.48 18.20
CA ARG A 204 19.66 -3.69 19.05
C ARG A 204 19.02 -2.37 19.45
N LYS A 205 19.75 -1.56 20.22
CA LYS A 205 19.23 -0.32 20.79
C LYS A 205 19.64 0.88 19.95
N LEU A 206 18.68 1.75 19.61
CA LEU A 206 19.02 2.92 18.81
C LEU A 206 20.06 3.80 19.52
N SER A 207 19.95 3.92 20.86
CA SER A 207 20.88 4.78 21.59
C SER A 207 22.31 4.25 21.58
N ASP A 208 22.51 2.99 21.21
CA ASP A 208 23.87 2.48 21.14
C ASP A 208 24.59 2.84 19.85
N TYR A 209 23.87 3.34 18.85
CA TYR A 209 24.49 3.65 17.57
C TYR A 209 24.29 5.09 17.13
N ALA A 210 23.37 5.82 17.75
CA ALA A 210 23.17 7.24 17.45
C ALA A 210 24.01 8.08 18.40
N GLY A 211 24.79 8.99 17.84
CA GLY A 211 25.69 9.80 18.63
C GLY A 211 25.00 10.88 19.44
N SER A 212 23.79 11.27 19.06
CA SER A 212 22.98 12.26 19.75
C SER A 212 21.58 11.73 19.94
N PRO A 213 20.78 12.36 20.81
CA PRO A 213 19.41 11.88 21.04
C PRO A 213 18.57 11.91 19.77
N VAL A 214 17.77 10.87 19.60
CA VAL A 214 16.80 10.79 18.52
C VAL A 214 15.42 10.92 19.15
N VAL A 215 14.65 11.91 18.73
CA VAL A 215 13.39 12.19 19.42
C VAL A 215 12.28 11.27 18.91
N LEU A 216 12.27 10.05 19.44
CA LEU A 216 11.20 9.10 19.15
C LEU A 216 9.89 9.72 19.62
N GLY A 217 8.81 9.45 18.88
CA GLY A 217 7.49 9.95 19.24
C GLY A 217 7.08 11.23 18.56
N ALA A 218 7.99 11.89 17.86
CA ALA A 218 7.68 13.14 17.18
C ALA A 218 7.07 12.86 15.82
N GLU A 219 6.14 13.72 15.42
CA GLU A 219 5.59 13.66 14.06
C GLU A 219 6.70 13.72 13.02
N TYR A 220 7.61 14.68 13.17
CA TYR A 220 8.76 14.75 12.28
C TYR A 220 9.85 15.57 12.95
N GLN A 221 11.03 14.99 13.05
CA GLN A 221 12.16 15.68 13.64
C GLN A 221 13.41 15.18 12.93
N SER A 222 14.34 16.09 12.67
CA SER A 222 15.53 15.76 11.93
C SER A 222 16.73 16.41 12.62
N ARG A 223 17.84 15.70 12.66
CA ARG A 223 19.01 16.18 13.38
C ARG A 223 20.28 15.60 12.76
N LYS A 224 21.30 16.43 12.66
CA LYS A 224 22.59 15.97 12.16
C LYS A 224 23.37 15.35 13.32
N MET A 225 23.95 14.17 13.07
CA MET A 225 24.73 13.52 14.11
C MET A 225 25.56 12.41 13.48
N THR A 226 26.46 11.85 14.27
CA THR A 226 27.12 10.62 13.89
C THR A 226 26.19 9.46 14.20
N PHE A 227 26.00 8.56 13.23
CA PHE A 227 25.21 7.35 13.40
C PHE A 227 25.96 6.17 12.83
N ASP A 228 26.27 5.17 13.67
CA ASP A 228 26.99 3.96 13.26
C ASP A 228 28.20 4.32 12.37
N GLN A 229 29.01 5.26 12.89
CA GLN A 229 30.30 5.72 12.36
C GLN A 229 30.21 6.66 11.15
N VAL A 230 29.04 7.18 10.79
CA VAL A 230 28.92 8.03 9.63
C VAL A 230 28.21 9.32 10.02
N GLU A 231 28.83 10.46 9.68
CA GLU A 231 28.15 11.74 9.86
CA GLU A 231 28.17 11.76 9.83
C GLU A 231 26.92 11.78 8.95
N SER A 232 25.76 11.95 9.57
CA SER A 232 24.49 11.71 8.87
C SER A 232 23.44 12.72 9.28
N VAL A 233 22.35 12.77 8.51
CA VAL A 233 21.10 13.37 8.95
CA VAL A 233 21.10 13.37 8.97
C VAL A 233 20.17 12.23 9.35
N VAL A 234 19.69 12.26 10.59
CA VAL A 234 18.79 11.25 11.12
C VAL A 234 17.42 11.91 11.24
N SER A 235 16.41 11.31 10.61
CA SER A 235 15.05 11.83 10.67
C SER A 235 14.13 10.79 11.28
N VAL A 236 13.12 11.25 11.99
CA VAL A 236 12.20 10.38 12.70
CA VAL A 236 12.20 10.39 12.71
C VAL A 236 10.78 10.83 12.42
N HIS A 237 9.89 9.87 12.24
CA HIS A 237 8.46 10.12 12.11
C HIS A 237 7.73 9.06 12.92
N HIS A 238 6.95 9.50 13.90
CA HIS A 238 6.14 8.58 14.68
C HIS A 238 4.94 8.14 13.86
N LEU A 239 4.64 6.84 13.92
CA LEU A 239 3.47 6.30 13.25
C LEU A 239 2.26 6.49 14.16
N ALA A 240 1.15 6.93 13.61
CA ALA A 240 0.02 7.20 14.48
C ALA A 240 -0.78 5.94 14.71
N LEU A 241 -0.12 4.86 15.13
CA LEU A 241 -0.77 3.57 15.30
C LEU A 241 -0.93 3.15 16.76
N ASP A 242 -0.41 3.93 17.70
CA ASP A 242 -0.36 3.46 19.08
C ASP A 242 -1.75 3.38 19.70
N ASP A 243 -1.90 2.42 20.60
CA ASP A 243 -3.18 2.10 21.23
C ASP A 243 -2.82 1.77 22.68
N PHE A 244 -3.04 2.73 23.58
CA PHE A 244 -2.64 2.62 24.98
C PHE A 244 -1.18 2.17 25.12
N GLY A 245 -0.31 2.82 24.34
CA GLY A 245 1.11 2.55 24.41
C GLY A 245 1.57 1.27 23.74
N LYS A 246 0.67 0.47 23.18
CA LYS A 246 1.06 -0.63 22.31
C LYS A 246 1.18 -0.12 20.87
N MET A 247 1.96 -0.83 20.04
CA MET A 247 2.14 -0.44 18.65
C MET A 247 2.66 0.99 18.56
N ASN A 248 3.62 1.30 19.43
CA ASN A 248 4.21 2.64 19.54
C ASN A 248 5.48 2.61 18.69
N TRP A 249 5.33 2.90 17.39
CA TRP A 249 6.40 2.69 16.42
C TRP A 249 6.78 3.98 15.70
N ASN A 250 8.01 3.99 15.19
CA ASN A 250 8.58 5.15 14.52
C ASN A 250 9.33 4.65 13.31
N VAL A 251 9.32 5.41 12.21
CA VAL A 251 10.26 5.19 11.11
CA VAL A 251 10.26 5.18 11.11
C VAL A 251 11.42 6.14 11.30
N VAL A 252 12.64 5.62 11.18
CA VAL A 252 13.84 6.43 11.36
C VAL A 252 14.69 6.25 10.10
N SER A 253 15.09 7.35 9.48
CA SER A 253 15.98 7.27 8.33
C SER A 253 17.34 7.86 8.67
N VAL A 254 18.39 7.32 8.04
CA VAL A 254 19.75 7.77 8.28
C VAL A 254 20.38 7.95 6.91
N THR A 255 20.72 9.19 6.57
CA THR A 255 21.31 9.56 5.28
C THR A 255 22.71 10.11 5.49
N PRO A 256 23.72 9.62 4.77
CA PRO A 256 25.06 10.20 4.93
C PRO A 256 25.06 11.66 4.55
N TRP A 257 25.71 12.48 5.38
CA TRP A 257 25.75 13.92 5.12
C TRP A 257 26.40 14.23 3.78
N GLU A 258 27.37 13.42 3.38
CA GLU A 258 28.08 13.62 2.12
C GLU A 258 27.12 13.70 0.94
N TYR A 259 26.00 13.01 1.02
CA TYR A 259 25.02 13.04 -0.07
C TYR A 259 24.23 14.33 -0.08
N LEU A 260 24.39 15.17 0.94
CA LEU A 260 23.71 16.46 1.06
C LEU A 260 24.72 17.58 1.20
N SER A 261 25.91 17.41 0.64
CA SER A 261 26.94 18.44 0.67
C SER A 261 28.01 18.16 -0.38
N ASN B 9 -16.44 -22.48 -3.16
CA ASN B 9 -15.04 -22.63 -2.81
C ASN B 9 -14.22 -21.53 -3.50
N TYR B 10 -14.06 -21.66 -4.82
CA TYR B 10 -13.38 -20.62 -5.58
C TYR B 10 -14.04 -19.27 -5.36
N ALA B 11 -15.37 -19.24 -5.28
CA ALA B 11 -16.09 -17.98 -5.11
C ALA B 11 -15.70 -17.27 -3.82
N GLU B 12 -15.54 -18.03 -2.73
CA GLU B 12 -15.07 -17.44 -1.47
C GLU B 12 -13.68 -16.84 -1.65
N GLN B 13 -12.76 -17.62 -2.24
CA GLN B 13 -11.39 -17.17 -2.37
C GLN B 13 -11.29 -16.02 -3.36
N SER B 14 -12.05 -16.12 -4.46
CA SER B 14 -12.03 -15.10 -5.50
CA SER B 14 -12.03 -15.10 -5.50
C SER B 14 -12.58 -13.78 -4.99
N GLU B 15 -13.63 -13.82 -4.17
CA GLU B 15 -14.17 -12.57 -3.63
C GLU B 15 -13.14 -11.89 -2.73
N PHE B 16 -12.46 -12.66 -1.88
CA PHE B 16 -11.42 -12.04 -1.05
C PHE B 16 -10.31 -11.47 -1.90
N THR B 17 -9.86 -12.23 -2.90
CA THR B 17 -8.74 -11.82 -3.74
C THR B 17 -9.05 -10.56 -4.53
N LEU B 18 -10.21 -10.52 -5.21
CA LEU B 18 -10.57 -9.33 -5.98
C LEU B 18 -10.71 -8.10 -5.08
N LYS B 19 -11.33 -8.27 -3.91
CA LYS B 19 -11.43 -7.12 -3.01
C LYS B 19 -10.07 -6.66 -2.54
N ALA B 20 -9.15 -7.59 -2.27
CA ALA B 20 -7.81 -7.19 -1.87
C ALA B 20 -7.07 -6.51 -3.01
N ILE B 21 -7.24 -7.01 -4.23
CA ILE B 21 -6.66 -6.31 -5.37
C ILE B 21 -7.21 -4.90 -5.47
N GLY B 22 -8.53 -4.77 -5.29
CA GLY B 22 -9.13 -3.46 -5.39
C GLY B 22 -8.62 -2.49 -4.36
N ARG B 23 -8.50 -2.93 -3.10
CA ARG B 23 -7.97 -2.04 -2.08
C ARG B 23 -6.55 -1.62 -2.40
N ASN B 24 -5.75 -2.56 -2.89
CA ASN B 24 -4.36 -2.23 -3.17
C ASN B 24 -4.21 -1.28 -4.35
N ILE B 25 -5.07 -1.38 -5.36
CA ILE B 25 -5.07 -0.37 -6.42
C ILE B 25 -5.44 0.99 -5.85
N ASN B 26 -6.43 1.01 -4.94
CA ASN B 26 -6.79 2.27 -4.32
C ASN B 26 -5.64 2.85 -3.51
N TYR B 27 -4.85 1.98 -2.84
CA TYR B 27 -3.68 2.50 -2.13
C TYR B 27 -2.74 3.21 -3.07
N VAL B 28 -2.55 2.65 -4.27
CA VAL B 28 -1.67 3.27 -5.27
C VAL B 28 -2.16 4.67 -5.59
N LEU B 29 -3.48 4.79 -5.84
CA LEU B 29 -4.07 6.10 -6.13
C LEU B 29 -4.00 7.05 -4.94
N LYS B 30 -4.30 6.55 -3.73
CA LYS B 30 -4.24 7.41 -2.55
C LYS B 30 -2.85 7.98 -2.38
N GLU B 31 -1.82 7.17 -2.59
CA GLU B 31 -0.45 7.65 -2.39
C GLU B 31 -0.05 8.65 -3.47
N ALA B 32 -0.46 8.39 -4.71
CA ALA B 32 -0.23 9.37 -5.79
C ALA B 32 -0.95 10.67 -5.47
N ASN B 33 -2.14 10.57 -4.87
CA ASN B 33 -2.91 11.74 -4.53
C ASN B 33 -2.23 12.53 -3.43
N HIS B 34 -1.76 11.83 -2.38
CA HIS B 34 -1.04 12.52 -1.31
C HIS B 34 0.16 13.26 -1.87
N PHE B 35 0.95 12.57 -2.71
CA PHE B 35 2.10 13.19 -3.38
C PHE B 35 1.69 14.42 -4.17
N SER B 36 0.62 14.30 -4.95
CA SER B 36 0.18 15.42 -5.77
C SER B 36 -0.33 16.58 -4.93
N GLU B 37 -1.14 16.31 -3.90
CA GLU B 37 -1.64 17.43 -3.11
C GLU B 37 -0.51 18.13 -2.36
N SER B 38 0.47 17.36 -1.86
CA SER B 38 1.59 17.98 -1.16
C SER B 38 2.37 18.90 -2.09
N SER B 39 2.61 18.45 -3.32
CA SER B 39 3.41 19.26 -4.23
C SER B 39 2.61 20.46 -4.73
N MET B 40 1.32 20.28 -5.05
CA MET B 40 0.59 21.39 -5.65
C MET B 40 0.29 22.53 -4.69
N LEU B 41 0.34 22.27 -3.38
CA LEU B 41 0.08 23.31 -2.38
C LEU B 41 1.32 24.10 -2.03
N ARG B 42 2.48 23.73 -2.58
CA ARG B 42 3.73 24.39 -2.22
C ARG B 42 3.71 25.85 -2.66
N GLU B 43 4.29 26.71 -1.82
CA GLU B 43 4.31 28.13 -2.13
C GLU B 43 5.11 28.42 -3.39
N ASP B 44 6.28 27.77 -3.53
CA ASP B 44 7.13 28.07 -4.68
C ASP B 44 6.52 27.57 -5.98
N ILE B 45 5.83 26.43 -5.94
CA ILE B 45 5.12 25.94 -7.13
C ILE B 45 4.10 26.98 -7.58
N GLN B 46 3.31 27.51 -6.63
CA GLN B 46 2.22 28.42 -6.96
C GLN B 46 2.71 29.82 -7.34
N GLN B 47 3.81 30.29 -6.77
CA GLN B 47 4.31 31.64 -7.05
C GLN B 47 4.55 31.86 -8.54
N THR B 48 5.37 31.00 -9.15
CA THR B 48 5.70 31.21 -10.55
C THR B 48 4.49 30.95 -11.44
N LEU B 49 3.59 30.08 -11.00
CA LEU B 49 2.40 29.80 -11.78
C LEU B 49 1.46 31.01 -11.76
N SER B 50 1.55 31.85 -10.74
CA SER B 50 0.72 33.03 -10.65
C SER B 50 1.20 34.17 -11.55
N ILE B 51 2.38 34.05 -12.16
CA ILE B 51 2.84 35.08 -13.08
C ILE B 51 2.02 35.01 -14.36
N ASN B 52 1.49 36.14 -14.80
CA ASN B 52 0.54 36.17 -15.91
C ASN B 52 1.17 36.66 -17.21
N HIS B 53 2.47 36.48 -17.37
CA HIS B 53 3.15 36.69 -18.62
C HIS B 53 4.25 35.64 -18.76
N GLU B 54 4.89 35.60 -19.93
CA GLU B 54 5.96 34.64 -20.12
C GLU B 54 7.17 35.07 -19.31
N VAL B 55 7.76 34.13 -18.56
CA VAL B 55 8.91 34.42 -17.70
C VAL B 55 10.18 34.31 -18.54
N ASP B 56 11.26 34.89 -18.03
CA ASP B 56 12.53 34.82 -18.75
C ASP B 56 13.19 33.46 -18.53
N GLN B 57 14.27 33.20 -19.30
CA GLN B 57 14.86 31.87 -19.32
C GLN B 57 15.43 31.44 -17.97
N VAL B 58 15.89 32.37 -17.13
CA VAL B 58 16.49 31.87 -15.90
C VAL B 58 15.41 31.57 -14.86
N VAL B 59 14.31 32.31 -14.89
CA VAL B 59 13.16 31.94 -14.07
C VAL B 59 12.62 30.59 -14.52
N LEU B 60 12.57 30.38 -15.84
CA LEU B 60 12.04 29.14 -16.39
C LEU B 60 12.94 27.95 -16.03
N ALA B 61 14.25 28.10 -16.20
CA ALA B 61 15.15 27.00 -15.86
C ALA B 61 15.05 26.64 -14.38
N GLU B 62 14.98 27.65 -13.49
CA GLU B 62 14.81 27.36 -12.07
C GLU B 62 13.47 26.70 -11.79
N TYR B 63 12.41 27.14 -12.46
CA TYR B 63 11.11 26.50 -12.24
C TYR B 63 11.14 25.06 -12.75
N ASN B 64 11.75 24.83 -13.93
CA ASN B 64 11.86 23.48 -14.46
C ASN B 64 12.65 22.58 -13.51
N ARG B 65 13.69 23.11 -12.88
CA ARG B 65 14.39 22.31 -11.88
C ARG B 65 13.51 22.08 -10.66
N LEU B 66 12.67 23.05 -10.31
CA LEU B 66 11.77 22.84 -9.17
C LEU B 66 10.76 21.73 -9.49
N LEU B 67 10.23 21.74 -10.71
CA LEU B 67 9.29 20.70 -11.13
C LEU B 67 9.93 19.32 -11.12
N GLN B 68 11.17 19.20 -11.61
CA GLN B 68 11.85 17.93 -11.57
C GLN B 68 11.97 17.42 -10.14
N ARG B 69 12.40 18.29 -9.23
CA ARG B 69 12.69 17.84 -7.88
C ARG B 69 11.42 17.61 -7.05
N THR B 70 10.32 18.32 -7.35
CA THR B 70 9.11 18.10 -6.57
C THR B 70 8.14 17.11 -7.20
N PHE B 71 8.11 16.98 -8.53
CA PHE B 71 7.16 16.06 -9.16
C PHE B 71 7.76 14.79 -9.73
N LEU B 72 9.02 14.79 -10.15
CA LEU B 72 9.57 13.62 -10.83
C LEU B 72 10.44 12.76 -9.93
N PHE B 73 10.53 13.09 -8.64
CA PHE B 73 11.22 12.21 -7.70
C PHE B 73 10.39 10.99 -7.35
N TYR B 74 9.09 11.17 -7.25
CA TYR B 74 8.18 10.10 -6.86
C TYR B 74 8.21 8.96 -7.87
N THR B 75 8.46 7.74 -7.41
CA THR B 75 8.78 6.62 -8.29
C THR B 75 7.88 6.47 -9.51
N PRO B 76 6.55 6.40 -9.41
CA PRO B 76 5.74 6.21 -10.62
C PRO B 76 5.43 7.49 -11.37
N SER B 77 5.82 8.65 -10.86
CA SER B 77 5.56 9.89 -11.60
C SER B 77 6.32 9.88 -12.92
N TYR B 78 5.59 10.15 -14.00
CA TYR B 78 6.15 10.14 -15.34
C TYR B 78 6.19 11.53 -15.96
N SER B 79 5.16 12.34 -15.78
CA SER B 79 5.25 13.71 -16.27
C SER B 79 4.31 14.59 -15.46
N VAL B 80 4.53 15.90 -15.61
CA VAL B 80 3.74 16.92 -14.94
C VAL B 80 3.56 18.10 -15.89
N HIS B 81 2.35 18.64 -15.92
CA HIS B 81 2.00 19.80 -16.72
C HIS B 81 1.19 20.73 -15.85
N LEU B 82 1.63 21.98 -15.75
CA LEU B 82 0.95 23.02 -14.98
C LEU B 82 0.54 24.11 -15.96
N TYR B 83 -0.75 24.46 -15.95
CA TYR B 83 -1.32 25.52 -16.78
C TYR B 83 -1.88 26.57 -15.87
N ASN B 84 -1.72 27.85 -16.21
CA ASN B 84 -2.57 28.84 -15.56
C ASN B 84 -3.66 29.25 -16.55
N PHE B 85 -4.42 30.30 -16.26
CA PHE B 85 -5.49 30.69 -17.16
C PHE B 85 -5.11 31.86 -18.06
N THR B 86 -3.84 32.26 -18.06
CA THR B 86 -3.42 33.48 -18.74
C THR B 86 -2.36 33.20 -19.81
N GLY B 87 -2.26 31.95 -20.24
CA GLY B 87 -1.43 31.59 -21.38
C GLY B 87 -0.08 31.00 -21.05
N GLN B 88 0.20 30.69 -19.79
CA GLN B 88 1.48 30.09 -19.45
C GLN B 88 1.31 28.61 -19.17
N LEU B 89 2.28 27.82 -19.59
CA LEU B 89 2.27 26.38 -19.41
C LEU B 89 3.69 25.93 -19.07
N TYR B 90 3.80 25.07 -18.06
CA TYR B 90 5.09 24.52 -17.66
C TYR B 90 4.97 23.01 -17.64
N ASN B 91 6.01 22.30 -18.09
CA ASN B 91 5.92 20.85 -18.01
C ASN B 91 7.32 20.26 -17.93
N GLN B 92 7.39 19.09 -17.32
CA GLN B 92 8.62 18.32 -17.20
C GLN B 92 8.23 16.85 -17.22
N GLY B 93 9.11 16.00 -17.70
CA GLY B 93 8.73 14.60 -17.71
C GLY B 93 9.89 13.73 -18.13
N LYS B 94 9.68 12.42 -17.97
CA LYS B 94 10.69 11.45 -18.38
C LYS B 94 10.74 11.36 -19.90
N ILE B 95 11.85 10.80 -20.41
CA ILE B 95 12.04 10.75 -21.85
C ILE B 95 10.81 10.12 -22.51
N GLY B 96 10.30 10.80 -23.53
CA GLY B 96 9.17 10.29 -24.29
C GLY B 96 7.80 10.85 -23.90
N TYR B 97 7.72 11.70 -22.88
CA TYR B 97 6.38 12.09 -22.42
C TYR B 97 5.64 12.94 -23.45
N GLU B 98 4.34 12.71 -23.58
CA GLU B 98 3.49 13.48 -24.49
C GLU B 98 3.19 14.86 -23.92
N ARG B 99 3.14 15.85 -24.80
CA ARG B 99 2.76 17.21 -24.43
C ARG B 99 1.30 17.46 -24.80
N PHE B 100 0.64 18.30 -23.99
CA PHE B 100 -0.77 18.61 -24.18
C PHE B 100 -0.97 20.11 -24.10
N THR B 101 -1.61 20.70 -25.11
CA THR B 101 -1.86 22.13 -25.03
C THR B 101 -2.99 22.40 -24.07
N TYR B 102 -3.00 23.64 -23.57
CA TYR B 102 -4.11 24.14 -22.76
C TYR B 102 -5.45 23.92 -23.46
N GLU B 103 -5.52 24.33 -24.74
CA GLU B 103 -6.77 24.22 -25.48
C GLU B 103 -7.22 22.78 -25.68
N SER B 104 -6.27 21.84 -25.84
CA SER B 104 -6.67 20.43 -25.96
C SER B 104 -7.40 19.95 -24.71
N LEU B 105 -6.95 20.37 -23.53
CA LEU B 105 -7.62 19.98 -22.30
C LEU B 105 -9.05 20.49 -22.28
N TYR B 106 -9.25 21.73 -22.71
CA TYR B 106 -10.56 22.37 -22.68
C TYR B 106 -11.50 21.92 -23.77
N LYS B 107 -11.03 21.22 -24.79
CA LYS B 107 -11.98 20.63 -25.71
C LYS B 107 -12.37 19.23 -25.29
N SER B 108 -11.75 18.69 -24.25
CA SER B 108 -12.09 17.37 -23.78
C SER B 108 -13.39 17.45 -22.98
N PRO B 109 -14.35 16.55 -23.21
CA PRO B 109 -15.58 16.59 -22.40
C PRO B 109 -15.31 16.34 -20.93
N GLN B 110 -14.13 15.81 -20.61
CA GLN B 110 -13.79 15.50 -19.22
C GLN B 110 -13.42 16.75 -18.43
N VAL B 111 -13.15 17.89 -19.09
CA VAL B 111 -12.71 19.05 -18.34
C VAL B 111 -13.81 19.61 -17.44
N SER B 112 -15.08 19.50 -17.83
CA SER B 112 -16.13 19.98 -16.94
C SER B 112 -16.12 19.21 -15.63
N GLU B 113 -15.82 17.91 -15.69
CA GLU B 113 -15.69 17.13 -14.45
C GLU B 113 -14.53 17.62 -13.62
N VAL B 114 -13.38 17.90 -14.25
CA VAL B 114 -12.24 18.38 -13.50
C VAL B 114 -12.56 19.67 -12.79
N ILE B 115 -13.26 20.58 -13.47
CA ILE B 115 -13.68 21.84 -12.86
C ILE B 115 -14.58 21.56 -11.66
N LYS B 116 -15.54 20.65 -11.84
CA LYS B 116 -16.52 20.36 -10.79
C LYS B 116 -15.86 19.77 -9.56
N LEU B 117 -14.77 19.00 -9.75
CA LEU B 117 -14.10 18.36 -8.62
C LEU B 117 -13.28 19.34 -7.79
N ASN B 118 -13.06 20.55 -8.29
CA ASN B 118 -12.54 21.68 -7.52
C ASN B 118 -11.30 21.32 -6.68
N GLY B 119 -10.34 20.63 -7.30
CA GLY B 119 -9.08 20.36 -6.66
C GLY B 119 -8.80 18.89 -6.40
N LYS B 120 -9.83 18.05 -6.36
CA LYS B 120 -9.61 16.61 -6.31
C LYS B 120 -9.39 16.10 -7.74
N PRO B 121 -8.67 14.99 -7.91
CA PRO B 121 -8.32 14.58 -9.26
C PRO B 121 -9.38 13.73 -9.94
N LEU B 122 -9.47 13.94 -11.25
CA LEU B 122 -10.16 13.02 -12.13
C LEU B 122 -9.10 12.01 -12.56
N TRP B 123 -9.34 10.74 -12.30
CA TRP B 123 -8.41 9.68 -12.65
C TRP B 123 -8.83 9.02 -13.95
N LEU B 124 -7.89 8.92 -14.89
CA LEU B 124 -8.12 8.36 -16.21
C LEU B 124 -7.09 7.26 -16.47
N GLY B 125 -7.56 6.03 -16.64
CA GLY B 125 -6.67 4.93 -16.89
C GLY B 125 -6.17 4.94 -18.31
N PRO B 126 -5.31 3.97 -18.62
CA PRO B 126 -4.82 3.82 -19.99
C PRO B 126 -5.97 3.79 -20.98
N TYR B 127 -5.77 4.46 -22.13
CA TYR B 127 -6.79 4.60 -23.17
C TYR B 127 -8.01 5.43 -22.78
N GLU B 128 -8.12 5.86 -21.53
CA GLU B 128 -9.32 6.55 -21.09
C GLU B 128 -9.27 8.06 -21.35
N PHE B 129 -8.08 8.62 -21.48
CA PHE B 129 -7.88 10.06 -21.64
C PHE B 129 -8.03 10.38 -23.12
N THR B 130 -9.12 11.09 -23.46
CA THR B 130 -9.49 11.31 -24.85
C THR B 130 -8.39 12.02 -25.65
N GLU B 131 -7.66 12.93 -25.00
CA GLU B 131 -6.66 13.74 -25.71
C GLU B 131 -5.32 13.05 -25.83
N SER B 132 -5.13 11.92 -25.15
CA SER B 132 -3.89 11.18 -25.30
C SER B 132 -3.90 10.43 -26.63
N SER B 133 -2.76 10.45 -27.31
CA SER B 133 -2.61 9.71 -28.56
C SER B 133 -1.29 8.96 -28.67
N ALA B 134 -0.32 9.18 -27.78
CA ALA B 134 0.97 8.49 -27.86
C ALA B 134 1.02 7.29 -26.93
N ASN B 135 1.83 7.37 -25.86
CA ASN B 135 2.06 6.28 -24.90
C ASN B 135 0.75 5.90 -24.23
N PRO B 136 0.05 4.85 -24.69
CA PRO B 136 -1.28 4.59 -24.16
C PRO B 136 -1.28 4.00 -22.76
N ASN B 137 -0.20 3.36 -22.32
CA ASN B 137 -0.23 2.61 -21.06
C ASN B 137 0.19 3.48 -19.88
N LEU B 138 -0.33 4.69 -19.82
CA LEU B 138 -0.12 5.55 -18.68
C LEU B 138 -1.46 5.86 -18.01
N PHE B 139 -1.38 6.13 -16.72
CA PHE B 139 -2.50 6.66 -15.96
C PHE B 139 -2.36 8.17 -15.87
N THR B 140 -3.49 8.89 -15.91
CA THR B 140 -3.52 10.35 -15.95
C THR B 140 -4.40 10.85 -14.81
N SER B 141 -3.91 11.88 -14.10
CA SER B 141 -4.65 12.62 -13.09
C SER B 141 -4.77 14.04 -13.58
N ILE B 142 -5.98 14.63 -13.46
CA ILE B 142 -6.20 16.02 -13.82
C ILE B 142 -6.97 16.68 -12.70
N ARG B 143 -6.47 17.80 -12.20
CA ARG B 143 -7.19 18.46 -11.11
C ARG B 143 -6.98 19.96 -11.18
N MET B 144 -7.89 20.69 -10.54
CA MET B 144 -7.74 22.13 -10.47
C MET B 144 -6.68 22.46 -9.45
N ILE B 145 -5.98 23.55 -9.68
CA ILE B 145 -4.99 24.06 -8.73
C ILE B 145 -5.61 25.24 -8.03
N ASN B 146 -5.79 25.12 -6.73
CA ASN B 146 -6.42 26.18 -5.95
C ASN B 146 -5.35 26.91 -5.14
N ASN B 147 -5.33 28.23 -5.27
CA ASN B 147 -4.46 29.08 -4.45
C ASN B 147 -4.56 28.68 -2.99
N THR B 148 -3.41 28.62 -2.32
CA THR B 148 -3.38 27.98 -1.00
C THR B 148 -4.24 28.73 0.02
N TYR B 149 -4.23 30.05 -0.01
CA TYR B 149 -4.94 30.78 1.04
C TYR B 149 -6.44 30.92 0.75
N THR B 150 -6.80 31.44 -0.43
CA THR B 150 -8.20 31.66 -0.78
C THR B 150 -8.90 30.40 -1.26
N MET B 151 -8.16 29.50 -1.92
CA MET B 151 -8.70 28.35 -2.64
C MET B 151 -9.51 28.78 -3.86
N ASN B 152 -9.21 29.95 -4.43
CA ASN B 152 -9.68 30.23 -5.78
C ASN B 152 -8.86 29.46 -6.82
N ASN B 153 -9.54 29.01 -7.88
CA ASN B 153 -8.85 28.30 -8.96
C ASN B 153 -7.80 29.21 -9.57
N MET B 154 -6.58 28.68 -9.76
CA MET B 154 -5.54 29.43 -10.44
C MET B 154 -4.96 28.70 -11.66
N GLY B 155 -5.23 27.42 -11.81
CA GLY B 155 -4.75 26.71 -12.97
C GLY B 155 -5.19 25.26 -12.91
N ILE B 156 -4.53 24.45 -13.74
CA ILE B 156 -4.84 23.04 -13.86
C ILE B 156 -3.54 22.27 -13.77
N LEU B 157 -3.60 21.12 -13.11
CA LEU B 157 -2.46 20.23 -12.94
C LEU B 157 -2.78 18.90 -13.61
N LEU B 158 -1.99 18.54 -14.62
CA LEU B 158 -2.16 17.27 -15.31
C LEU B 158 -0.90 16.44 -15.10
N GLN B 159 -1.07 15.23 -14.60
CA GLN B 159 0.06 14.36 -14.31
C GLN B 159 -0.16 13.01 -14.94
N GLN B 160 0.93 12.39 -15.36
CA GLN B 160 0.84 11.04 -15.86
C GLN B 160 1.74 10.15 -15.01
N PHE B 161 1.33 8.89 -14.87
CA PHE B 161 1.96 7.93 -13.98
C PHE B 161 2.09 6.59 -14.69
N GLN B 162 3.18 5.91 -14.43
CA GLN B 162 3.36 4.52 -14.83
C GLN B 162 3.01 3.65 -13.64
N PHE B 163 1.89 2.93 -13.75
CA PHE B 163 1.44 2.03 -12.69
C PHE B 163 1.37 0.58 -13.17
N ASN B 164 1.76 0.28 -14.42
CA ASN B 164 1.46 -1.08 -14.89
C ASN B 164 2.29 -2.13 -14.17
N ASN B 165 3.55 -1.85 -13.83
CA ASN B 165 4.30 -2.83 -13.05
C ASN B 165 3.69 -3.02 -11.67
N GLU B 166 3.27 -1.92 -11.04
CA GLU B 166 2.65 -2.01 -9.74
C GLU B 166 1.38 -2.83 -9.76
N LEU B 167 0.56 -2.65 -10.80
CA LEU B 167 -0.68 -3.40 -10.88
C LEU B 167 -0.41 -4.89 -11.12
N ASN B 168 0.55 -5.20 -11.99
CA ASN B 168 0.90 -6.62 -12.17
C ASN B 168 1.41 -7.24 -10.89
N GLU B 169 2.19 -6.48 -10.12
CA GLU B 169 2.68 -7.04 -8.86
C GLU B 169 1.53 -7.30 -7.90
N ILE B 170 0.53 -6.41 -7.90
CA ILE B 170 -0.64 -6.61 -7.04
C ILE B 170 -1.39 -7.86 -7.46
N PHE B 171 -1.65 -8.01 -8.77
CA PHE B 171 -2.33 -9.21 -9.26
C PHE B 171 -1.58 -10.47 -8.84
N ASN B 172 -0.25 -10.45 -8.98
CA ASN B 172 0.53 -11.66 -8.70
C ASN B 172 0.58 -11.96 -7.22
N TYR B 173 0.53 -10.92 -6.38
CA TYR B 173 0.67 -11.08 -4.94
C TYR B 173 -0.60 -11.64 -4.31
N PHE B 174 -1.73 -11.05 -4.64
CA PHE B 174 -3.04 -11.37 -4.07
C PHE B 174 -3.77 -12.36 -4.95
N ALA B 181 -1.72 -17.34 -15.26
CA ALA B 181 -2.75 -18.36 -15.43
C ALA B 181 -4.16 -17.73 -15.44
N VAL B 182 -4.41 -16.89 -14.48
CA VAL B 182 -5.64 -16.11 -14.40
C VAL B 182 -5.40 -14.77 -15.08
N ARG B 183 -6.37 -14.32 -15.87
CA ARG B 183 -6.30 -13.00 -16.46
C ARG B 183 -6.96 -12.02 -15.50
N PHE B 184 -6.33 -10.87 -15.29
CA PHE B 184 -6.89 -9.78 -14.52
C PHE B 184 -6.94 -8.57 -15.43
N MET B 185 -8.07 -7.87 -15.42
CA MET B 185 -8.14 -6.61 -16.13
C MET B 185 -8.72 -5.49 -15.26
N LEU B 186 -8.33 -4.26 -15.60
CA LEU B 186 -8.92 -3.06 -15.02
C LEU B 186 -9.88 -2.50 -16.08
N VAL B 187 -11.16 -2.37 -15.74
CA VAL B 187 -12.20 -2.14 -16.75
C VAL B 187 -13.07 -1.00 -16.26
N ASN B 188 -13.35 -0.02 -17.14
CA ASN B 188 -14.16 1.12 -16.69
C ASN B 188 -15.66 0.86 -16.93
N GLN B 189 -16.47 1.87 -16.62
CA GLN B 189 -17.92 1.72 -16.68
C GLN B 189 -18.40 1.47 -18.11
N GLU B 190 -17.59 1.82 -19.12
CA GLU B 190 -17.97 1.63 -20.52
C GLU B 190 -17.32 0.38 -21.11
N GLY B 191 -16.84 -0.51 -20.25
CA GLY B 191 -16.26 -1.75 -20.69
C GLY B 191 -14.88 -1.61 -21.27
N LEU B 192 -14.27 -0.42 -21.19
CA LEU B 192 -12.93 -0.23 -21.73
C LEU B 192 -11.93 -1.02 -20.91
N ILE B 193 -11.20 -1.93 -21.55
CA ILE B 193 -10.19 -2.71 -20.86
C ILE B 193 -8.94 -1.85 -20.82
N MET B 194 -8.77 -1.08 -19.75
CA MET B 194 -7.63 -0.17 -19.68
C MET B 194 -6.33 -0.92 -19.43
N MET B 195 -6.40 -2.01 -18.69
CA MET B 195 -5.23 -2.81 -18.38
CA MET B 195 -5.24 -2.80 -18.31
C MET B 195 -5.59 -4.28 -18.48
N ASP B 196 -4.76 -5.02 -19.20
CA ASP B 196 -4.89 -6.48 -19.35
C ASP B 196 -3.56 -7.06 -18.93
N ASN B 197 -3.53 -7.84 -17.85
CA ASN B 197 -2.25 -8.40 -17.43
C ASN B 197 -1.70 -9.39 -18.43
N LYS B 198 -2.50 -9.82 -19.41
CA LYS B 198 -2.04 -10.70 -20.48
C LYS B 198 -1.72 -9.97 -21.79
N GLY B 199 -1.80 -8.64 -21.81
CA GLY B 199 -1.56 -7.88 -23.06
C GLY B 199 -2.58 -7.78 -24.20
N LYS B 200 -3.22 -8.89 -24.57
CA LYS B 200 -3.97 -8.93 -25.83
C LYS B 200 -5.05 -7.84 -25.89
N LEU B 201 -5.73 -7.56 -24.77
CA LEU B 201 -7.00 -6.84 -24.84
C LEU B 201 -6.92 -5.40 -24.35
N SER B 202 -5.73 -4.89 -24.06
CA SER B 202 -5.60 -3.50 -23.61
C SER B 202 -6.17 -2.56 -24.67
N GLY B 203 -7.01 -1.61 -24.24
CA GLY B 203 -7.68 -0.68 -25.13
C GLY B 203 -8.90 -1.22 -25.84
N ARG B 204 -9.24 -2.49 -25.65
CA ARG B 204 -10.42 -3.09 -26.27
C ARG B 204 -11.63 -3.01 -25.33
N LYS B 205 -12.73 -3.62 -25.74
CA LYS B 205 -14.03 -3.52 -25.06
C LYS B 205 -14.38 -4.86 -24.43
N LEU B 206 -14.77 -4.85 -23.15
CA LEU B 206 -15.13 -6.11 -22.49
C LEU B 206 -16.23 -6.86 -23.24
N SER B 207 -17.23 -6.15 -23.74
CA SER B 207 -18.38 -6.82 -24.35
C SER B 207 -18.02 -7.51 -25.66
N ASP B 208 -16.90 -7.14 -26.27
CA ASP B 208 -16.41 -7.87 -27.44
C ASP B 208 -15.84 -9.23 -27.08
N TYR B 209 -15.55 -9.49 -25.81
CA TYR B 209 -14.91 -10.73 -25.41
C TYR B 209 -15.68 -11.54 -24.38
N ALA B 210 -16.54 -10.92 -23.57
CA ALA B 210 -17.33 -11.66 -22.60
C ALA B 210 -18.58 -12.20 -23.29
N GLY B 211 -18.86 -13.49 -23.10
CA GLY B 211 -20.02 -14.09 -23.75
C GLY B 211 -21.33 -13.73 -23.11
N SER B 212 -21.31 -13.21 -21.88
CA SER B 212 -22.53 -12.82 -21.20
C SER B 212 -22.27 -11.48 -20.52
N PRO B 213 -23.30 -10.66 -20.28
CA PRO B 213 -23.07 -9.34 -19.68
C PRO B 213 -22.45 -9.46 -18.30
N VAL B 214 -21.48 -8.60 -18.02
CA VAL B 214 -20.79 -8.60 -16.72
C VAL B 214 -21.35 -7.44 -15.91
N VAL B 215 -21.59 -7.66 -14.60
CA VAL B 215 -22.23 -6.61 -13.80
C VAL B 215 -21.14 -5.66 -13.31
N LEU B 216 -20.62 -4.86 -14.22
CA LEU B 216 -19.74 -3.75 -13.85
C LEU B 216 -20.42 -2.92 -12.76
N GLY B 217 -19.64 -2.51 -11.77
CA GLY B 217 -20.20 -1.76 -10.67
C GLY B 217 -20.63 -2.57 -9.47
N ALA B 218 -20.71 -3.90 -9.57
CA ALA B 218 -21.12 -4.71 -8.45
C ALA B 218 -19.99 -4.87 -7.43
N GLU B 219 -20.37 -5.09 -6.16
CA GLU B 219 -19.38 -5.40 -5.14
C GLU B 219 -18.65 -6.70 -5.44
N TYR B 220 -19.41 -7.76 -5.75
CA TYR B 220 -18.80 -9.00 -6.24
C TYR B 220 -19.84 -9.78 -7.02
N GLN B 221 -19.50 -10.17 -8.24
CA GLN B 221 -20.36 -11.04 -9.04
C GLN B 221 -19.46 -11.99 -9.82
N SER B 222 -19.85 -13.26 -9.88
CA SER B 222 -19.11 -14.27 -10.62
C SER B 222 -20.09 -15.01 -11.52
N ARG B 223 -19.64 -15.39 -12.70
CA ARG B 223 -20.50 -16.09 -13.64
CA ARG B 223 -20.50 -16.09 -13.64
C ARG B 223 -19.65 -16.91 -14.60
N LYS B 224 -20.09 -18.13 -14.84
CA LYS B 224 -19.48 -18.97 -15.88
C LYS B 224 -19.99 -18.53 -17.24
N MET B 225 -19.07 -18.32 -18.18
CA MET B 225 -19.39 -17.80 -19.50
C MET B 225 -18.15 -17.99 -20.39
N THR B 226 -18.35 -17.82 -21.69
CA THR B 226 -17.19 -17.79 -22.57
C THR B 226 -16.47 -16.46 -22.43
N PHE B 227 -15.15 -16.50 -22.57
CA PHE B 227 -14.39 -15.26 -22.63
C PHE B 227 -13.33 -15.43 -23.70
N ASP B 228 -13.34 -14.57 -24.72
CA ASP B 228 -12.47 -14.73 -25.88
C ASP B 228 -12.60 -16.15 -26.43
N GLN B 229 -13.86 -16.63 -26.47
CA GLN B 229 -14.23 -17.96 -26.99
C GLN B 229 -13.61 -19.12 -26.20
N VAL B 230 -13.28 -18.91 -24.92
CA VAL B 230 -12.83 -20.00 -24.05
C VAL B 230 -13.78 -20.04 -22.85
N GLU B 231 -14.32 -21.23 -22.56
CA GLU B 231 -15.19 -21.37 -21.38
C GLU B 231 -14.43 -20.99 -20.11
N SER B 232 -15.02 -20.11 -19.30
CA SER B 232 -14.31 -19.46 -18.21
C SER B 232 -15.23 -19.18 -17.04
N VAL B 233 -14.61 -18.76 -15.94
CA VAL B 233 -15.32 -18.11 -14.85
C VAL B 233 -14.82 -16.67 -14.81
N VAL B 234 -15.75 -15.73 -14.92
CA VAL B 234 -15.44 -14.31 -14.97
C VAL B 234 -15.99 -13.69 -13.69
N SER B 235 -15.14 -13.02 -12.92
CA SER B 235 -15.55 -12.40 -11.67
C SER B 235 -15.26 -10.90 -11.71
N VAL B 236 -16.08 -10.09 -11.02
CA VAL B 236 -15.95 -8.64 -11.12
C VAL B 236 -16.11 -8.02 -9.74
N HIS B 237 -15.34 -6.97 -9.48
CA HIS B 237 -15.46 -6.23 -8.24
C HIS B 237 -15.19 -4.76 -8.55
N HIS B 238 -16.12 -3.90 -8.16
CA HIS B 238 -16.02 -2.47 -8.41
C HIS B 238 -15.17 -1.81 -7.34
N LEU B 239 -14.30 -0.87 -7.78
CA LEU B 239 -13.44 -0.14 -6.85
C LEU B 239 -14.22 0.98 -6.19
N ALA B 240 -14.23 1.01 -4.86
CA ALA B 240 -15.01 2.03 -4.16
C ALA B 240 -14.18 3.31 -4.03
N LEU B 241 -14.87 4.45 -4.03
CA LEU B 241 -14.22 5.75 -3.93
C LEU B 241 -14.21 6.23 -2.48
N ASP B 242 -13.34 7.22 -2.20
CA ASP B 242 -13.26 7.86 -0.89
C ASP B 242 -12.84 9.32 -1.06
N ASP B 243 -11.60 9.65 -0.71
CA ASP B 243 -11.10 11.03 -0.69
C ASP B 243 -9.93 11.25 -1.64
N PHE B 244 -9.75 10.37 -2.62
CA PHE B 244 -8.57 10.43 -3.48
C PHE B 244 -8.94 10.64 -4.94
N GLY B 245 -10.11 11.18 -5.22
CA GLY B 245 -10.46 11.52 -6.59
C GLY B 245 -11.53 10.60 -7.16
N LYS B 246 -11.79 10.78 -8.45
CA LYS B 246 -12.94 10.18 -9.11
C LYS B 246 -12.52 9.31 -10.29
N MET B 247 -13.06 8.11 -10.34
CA MET B 247 -13.06 7.23 -11.51
C MET B 247 -14.19 6.22 -11.34
N ASN B 248 -14.41 5.38 -12.37
CA ASN B 248 -15.45 4.34 -12.28
C ASN B 248 -14.84 3.06 -12.84
N TRP B 249 -14.13 2.33 -11.99
CA TRP B 249 -13.29 1.22 -12.41
C TRP B 249 -13.65 -0.05 -11.69
N ASN B 250 -13.32 -1.17 -12.34
CA ASN B 250 -13.61 -2.51 -11.87
C ASN B 250 -12.40 -3.38 -12.10
N VAL B 251 -12.16 -4.31 -11.20
CA VAL B 251 -11.22 -5.40 -11.48
CA VAL B 251 -11.22 -5.40 -11.48
C VAL B 251 -12.02 -6.59 -11.95
N VAL B 252 -11.63 -7.17 -13.08
CA VAL B 252 -12.29 -8.33 -13.66
C VAL B 252 -11.27 -9.46 -13.77
N SER B 253 -11.62 -10.64 -13.26
CA SER B 253 -10.75 -11.80 -13.40
C SER B 253 -11.40 -12.81 -14.34
N VAL B 254 -10.56 -13.51 -15.08
CA VAL B 254 -11.00 -14.56 -16.01
C VAL B 254 -10.15 -15.79 -15.74
N THR B 255 -10.79 -16.87 -15.31
CA THR B 255 -10.12 -18.14 -15.04
C THR B 255 -10.65 -19.19 -15.99
N PRO B 256 -9.80 -19.85 -16.79
CA PRO B 256 -10.28 -20.91 -17.69
C PRO B 256 -11.00 -22.00 -16.90
N TRP B 257 -12.15 -22.41 -17.43
CA TRP B 257 -12.98 -23.39 -16.74
C TRP B 257 -12.26 -24.73 -16.63
N GLU B 258 -11.45 -25.07 -17.63
CA GLU B 258 -10.66 -26.29 -17.56
C GLU B 258 -9.80 -26.33 -16.29
N TYR B 259 -9.31 -25.17 -15.84
CA TYR B 259 -8.50 -25.12 -14.63
C TYR B 259 -9.33 -25.32 -13.36
N LEU B 260 -10.66 -25.23 -13.46
CA LEU B 260 -11.55 -25.48 -12.33
C LEU B 260 -12.29 -26.79 -12.42
N SER B 261 -12.35 -27.41 -13.60
CA SER B 261 -12.97 -28.71 -13.80
C SER B 261 -11.95 -29.84 -13.84
N GLY B 262 -10.67 -29.52 -13.67
CA GLY B 262 -9.61 -30.52 -13.68
C GLY B 262 -8.37 -30.03 -12.97
C1 GOL C . -4.29 -0.96 11.21
O1 GOL C . -4.71 0.31 10.83
C2 GOL C . -4.33 -1.01 12.77
O2 GOL C . -3.89 0.11 13.40
C3 GOL C . -3.53 -2.23 13.11
O3 GOL C . -4.50 -3.18 13.29
C1 GOL D . 15.71 6.99 22.49
O1 GOL D . 15.91 5.59 22.62
C2 GOL D . 17.06 7.73 22.19
O2 GOL D . 16.88 9.09 21.92
C3 GOL D . 17.75 6.98 21.02
O3 GOL D . 18.72 7.86 20.46
C1 GOL E . -13.61 -1.55 -3.41
O1 GOL E . -14.07 -1.52 -2.09
C2 GOL E . -12.05 -1.55 -3.41
O2 GOL E . -11.54 -0.52 -2.64
C3 GOL E . -11.64 -2.95 -2.83
O3 GOL E . -12.64 -3.35 -1.95
#